data_1AIM
#
_entry.id   1AIM
#
_cell.length_a   43.250
_cell.length_b   51.620
_cell.length_c   45.340
_cell.angle_alpha   90.00
_cell.angle_beta   115.43
_cell.angle_gamma   90.00
#
_symmetry.space_group_name_H-M   'P 1 21 1'
#
loop_
_entity.id
_entity.type
_entity.pdbx_description
1 polymer CRUZAIN
2 non-polymer 'BENZOYL-TYROSINE-ALANINE-FLUORO-METHYL KETONE'
3 water water
#
_entity_poly.entity_id   1
_entity_poly.type   'polypeptide(L)'
_entity_poly.pdbx_seq_one_letter_code
;APAAVDWRARGAVTAVKDQGQCGSCWAFSAIGNVECQWFLAGHPLTNLSEQMLVSCDKTDSGCSGGLMNNAFEWIVQENN
GAVYTEDSYPYASGEGISPPCTTSGHTVGATITGHVELPQDEAQIAAWLAVNGPVAVAVDASSWMTYTGGVMTSCVSEAL
DHGVLLVGYNDSAAVPYWIIKNSWTTQWGEEGYIRIAKGSNQCLVKEEASSAVVG
;
_entity_poly.pdbx_strand_id   A
#
# COMPACT_ATOMS: atom_id res chain seq x y z
N ALA A 1 -9.78 21.52 -1.29
CA ALA A 1 -9.01 20.44 -0.72
C ALA A 1 -7.98 21.13 0.17
N PRO A 2 -7.54 20.60 1.32
CA PRO A 2 -6.46 21.17 2.14
C PRO A 2 -5.11 21.27 1.40
N ALA A 3 -4.25 22.23 1.76
CA ALA A 3 -2.96 22.44 1.09
C ALA A 3 -1.95 21.30 1.19
N ALA A 4 -1.86 20.68 2.35
CA ALA A 4 -0.94 19.58 2.56
C ALA A 4 -1.52 18.68 3.64
N VAL A 5 -1.43 17.37 3.47
CA VAL A 5 -1.92 16.40 4.45
C VAL A 5 -0.81 15.35 4.51
N ASP A 6 -0.41 14.88 5.69
CA ASP A 6 0.58 13.81 5.77
C ASP A 6 0.02 12.99 6.89
N TRP A 7 -0.43 11.79 6.51
CA TRP A 7 -1.12 10.96 7.48
C TRP A 7 -0.14 10.35 8.44
N ARG A 8 1.17 10.39 8.14
CA ARG A 8 2.18 9.87 9.06
C ARG A 8 2.19 10.77 10.27
N ALA A 9 2.04 12.09 10.12
CA ALA A 9 2.03 13.01 11.25
C ALA A 9 0.73 12.99 12.05
N ARG A 10 -0.16 12.03 11.78
CA ARG A 10 -1.45 11.95 12.42
C ARG A 10 -1.63 10.56 13.02
N GLY A 11 -0.51 9.87 13.36
CA GLY A 11 -0.55 8.54 13.97
C GLY A 11 -1.25 7.46 13.14
N ALA A 12 -1.47 7.68 11.84
CA ALA A 12 -2.22 6.78 10.98
C ALA A 12 -1.44 5.71 10.21
N VAL A 13 -0.10 5.70 10.24
CA VAL A 13 0.69 4.84 9.35
C VAL A 13 1.64 3.96 10.17
N THR A 14 1.79 2.67 9.87
CA THR A 14 2.70 1.81 10.59
C THR A 14 4.10 1.93 9.96
N ALA A 15 5.13 1.39 10.62
CA ALA A 15 6.51 1.37 10.15
C ALA A 15 6.76 0.69 8.79
N VAL A 16 7.87 1.03 8.13
CA VAL A 16 8.23 0.46 6.83
C VAL A 16 8.67 -1.00 6.98
N LYS A 17 8.20 -1.86 6.07
CA LYS A 17 8.47 -3.30 6.13
C LYS A 17 9.36 -3.75 4.97
N ASP A 18 9.58 -5.05 4.75
CA ASP A 18 10.44 -5.55 3.70
C ASP A 18 9.92 -6.83 3.05
N GLN A 19 9.70 -6.75 1.74
CA GLN A 19 9.25 -7.93 1.03
C GLN A 19 10.33 -8.97 0.73
N GLY A 20 11.60 -8.60 0.80
CA GLY A 20 12.68 -9.54 0.59
C GLY A 20 12.69 -10.01 -0.85
N GLN A 21 13.01 -11.29 -1.02
CA GLN A 21 13.12 -11.86 -2.35
C GLN A 21 11.78 -12.26 -2.95
N CYS A 22 10.64 -12.11 -2.24
CA CYS A 22 9.38 -12.55 -2.79
C CYS A 22 8.78 -11.44 -3.63
N GLY A 23 8.16 -11.75 -4.78
CA GLY A 23 7.45 -10.72 -5.55
C GLY A 23 6.08 -10.42 -4.92
N SER A 24 6.05 -9.95 -3.67
CA SER A 24 4.86 -9.74 -2.88
C SER A 24 4.43 -8.29 -2.72
N CYS A 25 4.90 -7.36 -3.55
CA CYS A 25 4.57 -5.93 -3.41
C CYS A 25 3.07 -5.59 -3.31
N TRP A 26 2.28 -6.33 -4.09
CA TRP A 26 0.83 -6.24 -4.13
C TRP A 26 0.17 -6.44 -2.76
N ALA A 27 0.72 -7.38 -1.98
CA ALA A 27 0.22 -7.75 -0.67
C ALA A 27 0.56 -6.66 0.34
N PHE A 28 1.77 -6.07 0.20
CA PHE A 28 2.23 -5.00 1.08
C PHE A 28 1.42 -3.74 0.86
N SER A 29 1.11 -3.42 -0.39
CA SER A 29 0.24 -2.29 -0.76
C SER A 29 -1.16 -2.45 -0.19
N ALA A 30 -1.79 -3.62 -0.40
CA ALA A 30 -3.12 -3.88 0.07
C ALA A 30 -3.25 -3.83 1.59
N ILE A 31 -2.33 -4.51 2.30
CA ILE A 31 -2.37 -4.52 3.75
C ILE A 31 -2.04 -3.15 4.35
N GLY A 32 -1.08 -2.39 3.83
CA GLY A 32 -0.76 -1.08 4.39
C GLY A 32 -1.98 -0.15 4.39
N ASN A 33 -2.75 -0.22 3.29
CA ASN A 33 -3.97 0.54 3.16
C ASN A 33 -5.00 0.06 4.20
N VAL A 34 -5.18 -1.26 4.41
CA VAL A 34 -6.14 -1.74 5.39
C VAL A 34 -5.72 -1.25 6.79
N GLU A 35 -4.44 -1.32 7.16
CA GLU A 35 -3.95 -0.84 8.46
C GLU A 35 -4.37 0.62 8.68
N CYS A 36 -4.12 1.54 7.74
CA CYS A 36 -4.49 2.94 7.88
C CYS A 36 -5.99 3.15 7.99
N GLN A 37 -6.77 2.45 7.14
CA GLN A 37 -8.22 2.60 7.14
C GLN A 37 -8.85 2.12 8.44
N TRP A 38 -8.32 1.06 9.05
CA TRP A 38 -8.78 0.57 10.34
C TRP A 38 -8.55 1.64 11.44
N PHE A 39 -7.36 2.22 11.48
CA PHE A 39 -7.08 3.27 12.45
C PHE A 39 -8.06 4.44 12.29
N LEU A 40 -8.24 4.92 11.04
CA LEU A 40 -9.15 6.03 10.80
C LEU A 40 -10.61 5.72 11.10
N ALA A 41 -10.99 4.44 11.11
CA ALA A 41 -12.34 4.07 11.53
C ALA A 41 -12.51 4.13 13.05
N GLY A 42 -11.50 4.58 13.81
CA GLY A 42 -11.61 4.79 15.24
C GLY A 42 -11.12 3.57 16.04
N HIS A 43 -10.08 2.89 15.58
CA HIS A 43 -9.55 1.74 16.29
C HIS A 43 -8.06 1.96 16.47
N PRO A 44 -7.36 1.32 17.43
CA PRO A 44 -5.90 1.36 17.53
C PRO A 44 -5.16 0.88 16.26
N LEU A 45 -4.09 1.59 15.87
CA LEU A 45 -3.27 1.20 14.73
C LEU A 45 -2.61 -0.15 15.06
N THR A 46 -2.87 -1.15 14.24
CA THR A 46 -2.34 -2.49 14.47
C THR A 46 -1.64 -2.94 13.19
N ASN A 47 -0.51 -3.63 13.31
CA ASN A 47 0.20 -4.22 12.17
C ASN A 47 -0.57 -5.47 11.75
N LEU A 48 -0.85 -5.60 10.46
CA LEU A 48 -1.62 -6.71 9.91
C LEU A 48 -0.77 -7.60 8.98
N SER A 49 -1.19 -8.82 8.64
CA SER A 49 -0.38 -9.79 7.90
C SER A 49 -0.40 -9.84 6.37
N GLU A 50 0.73 -9.53 5.73
CA GLU A 50 0.90 -9.73 4.30
C GLU A 50 1.04 -11.22 3.99
N GLN A 51 1.63 -12.02 4.88
CA GLN A 51 1.78 -13.45 4.68
C GLN A 51 0.43 -14.14 4.43
N MET A 52 -0.62 -13.76 5.18
CA MET A 52 -1.98 -14.22 4.95
C MET A 52 -2.36 -14.14 3.47
N LEU A 53 -2.14 -13.00 2.81
CA LEU A 53 -2.41 -12.90 1.39
C LEU A 53 -1.43 -13.75 0.57
N VAL A 54 -0.10 -13.64 0.73
CA VAL A 54 0.86 -14.40 -0.10
C VAL A 54 0.61 -15.92 -0.07
N SER A 55 0.36 -16.51 1.11
CA SER A 55 0.15 -17.92 1.19
C SER A 55 -1.29 -18.34 0.93
N CYS A 56 -2.30 -17.55 1.30
CA CYS A 56 -3.67 -18.00 1.21
C CYS A 56 -4.51 -17.44 0.08
N ASP A 57 -4.14 -16.32 -0.52
CA ASP A 57 -4.93 -15.75 -1.57
C ASP A 57 -4.64 -16.40 -2.92
N LYS A 58 -5.41 -17.47 -3.15
CA LYS A 58 -5.25 -18.23 -4.36
C LYS A 58 -5.83 -17.57 -5.60
N THR A 59 -6.31 -16.32 -5.52
CA THR A 59 -6.73 -15.63 -6.73
C THR A 59 -5.60 -14.76 -7.26
N ASP A 60 -4.49 -14.75 -6.51
CA ASP A 60 -3.25 -14.11 -6.92
C ASP A 60 -2.14 -15.15 -6.89
N SER A 61 -0.92 -14.77 -7.27
CA SER A 61 0.11 -15.78 -7.46
C SER A 61 1.31 -15.72 -6.53
N GLY A 62 1.10 -15.43 -5.25
CA GLY A 62 2.13 -15.49 -4.23
C GLY A 62 3.37 -14.66 -4.58
N CYS A 63 4.52 -15.34 -4.56
CA CYS A 63 5.77 -14.70 -4.90
C CYS A 63 5.94 -14.39 -6.37
N SER A 64 4.95 -14.67 -7.22
CA SER A 64 5.04 -14.29 -8.61
C SER A 64 4.29 -12.99 -8.87
N GLY A 65 3.48 -12.44 -7.97
CA GLY A 65 2.78 -11.22 -8.31
C GLY A 65 1.31 -11.33 -8.02
N GLY A 66 0.58 -10.23 -8.16
CA GLY A 66 -0.81 -10.19 -7.83
C GLY A 66 -1.38 -8.79 -7.96
N LEU A 67 -2.64 -8.57 -7.60
CA LEU A 67 -3.28 -7.27 -7.79
C LEU A 67 -3.97 -6.87 -6.49
N MET A 68 -3.88 -5.60 -6.10
CA MET A 68 -4.45 -5.14 -4.81
C MET A 68 -5.96 -5.34 -4.74
N ASN A 69 -6.65 -5.04 -5.84
CA ASN A 69 -8.09 -5.25 -5.93
C ASN A 69 -8.49 -6.72 -5.81
N ASN A 70 -7.70 -7.68 -6.29
CA ASN A 70 -8.05 -9.09 -6.11
C ASN A 70 -7.86 -9.49 -4.67
N ALA A 71 -6.82 -8.96 -4.02
CA ALA A 71 -6.60 -9.20 -2.59
C ALA A 71 -7.73 -8.69 -1.70
N PHE A 72 -8.20 -7.44 -1.93
CA PHE A 72 -9.33 -6.85 -1.18
C PHE A 72 -10.58 -7.72 -1.28
N GLU A 73 -10.94 -8.14 -2.51
CA GLU A 73 -12.09 -9.02 -2.67
C GLU A 73 -11.87 -10.44 -2.17
N TRP A 74 -10.67 -11.05 -2.21
CA TRP A 74 -10.43 -12.34 -1.54
C TRP A 74 -10.71 -12.18 -0.03
N ILE A 75 -10.33 -11.07 0.62
CA ILE A 75 -10.59 -10.87 2.05
C ILE A 75 -12.10 -10.91 2.31
N VAL A 76 -12.87 -10.11 1.59
CA VAL A 76 -14.31 -10.06 1.82
C VAL A 76 -14.99 -11.37 1.40
N GLN A 77 -14.75 -11.90 0.19
CA GLN A 77 -15.43 -13.07 -0.34
C GLN A 77 -14.92 -14.43 0.11
N GLU A 78 -13.62 -14.61 0.35
CA GLU A 78 -13.13 -15.90 0.80
C GLU A 78 -12.67 -15.93 2.25
N ASN A 79 -12.39 -14.81 2.93
CA ASN A 79 -11.94 -14.94 4.31
C ASN A 79 -12.83 -14.28 5.34
N ASN A 80 -14.11 -14.15 4.97
CA ASN A 80 -15.15 -13.57 5.81
C ASN A 80 -14.80 -12.18 6.36
N GLY A 81 -14.17 -11.33 5.53
CA GLY A 81 -13.81 -9.97 5.92
C GLY A 81 -12.60 -9.85 6.85
N ALA A 82 -12.05 -10.95 7.38
CA ALA A 82 -10.96 -10.95 8.35
C ALA A 82 -9.55 -10.67 7.84
N VAL A 83 -8.78 -9.86 8.57
CA VAL A 83 -7.38 -9.66 8.26
C VAL A 83 -6.65 -9.99 9.55
N TYR A 84 -5.70 -10.92 9.53
CA TYR A 84 -5.00 -11.32 10.75
C TYR A 84 -3.91 -10.36 11.20
N THR A 85 -3.56 -10.30 12.49
CA THR A 85 -2.49 -9.41 12.92
C THR A 85 -1.17 -9.97 12.40
N GLU A 86 -0.17 -9.13 12.15
CA GLU A 86 1.11 -9.60 11.63
C GLU A 86 1.77 -10.51 12.67
N ASP A 87 1.59 -10.17 13.94
CA ASP A 87 2.11 -10.98 15.03
C ASP A 87 1.64 -12.42 15.07
N SER A 88 0.38 -12.66 14.66
CA SER A 88 -0.15 -14.01 14.68
C SER A 88 0.12 -14.75 13.38
N TYR A 89 0.52 -14.05 12.31
CA TYR A 89 0.87 -14.72 11.06
C TYR A 89 2.03 -13.89 10.48
N PRO A 90 3.25 -14.09 10.96
CA PRO A 90 4.44 -13.38 10.52
C PRO A 90 4.86 -13.70 9.10
N TYR A 91 5.64 -12.76 8.55
CA TYR A 91 6.14 -12.90 7.21
C TYR A 91 7.15 -14.05 7.21
N ALA A 92 6.95 -14.88 6.22
CA ALA A 92 7.77 -16.05 6.03
C ALA A 92 8.21 -16.21 4.58
N SER A 93 7.99 -15.25 3.67
CA SER A 93 8.40 -15.45 2.28
C SER A 93 9.66 -14.66 1.86
N GLY A 94 10.51 -14.28 2.82
CA GLY A 94 11.70 -13.46 2.56
C GLY A 94 12.70 -14.11 1.62
N GLU A 95 12.77 -15.44 1.63
CA GLU A 95 13.65 -16.17 0.75
C GLU A 95 13.06 -16.33 -0.64
N GLY A 96 11.90 -15.76 -0.97
CA GLY A 96 11.37 -15.88 -2.33
C GLY A 96 10.51 -17.12 -2.55
N ILE A 97 10.09 -17.75 -1.45
CA ILE A 97 9.29 -18.94 -1.52
C ILE A 97 8.05 -18.65 -0.68
N SER A 98 6.85 -19.13 -1.05
CA SER A 98 5.65 -18.91 -0.27
C SER A 98 5.31 -20.25 0.36
N PRO A 99 5.31 -20.41 1.68
CA PRO A 99 4.90 -21.65 2.35
C PRO A 99 3.39 -21.91 2.23
N PRO A 100 2.91 -23.16 2.32
CA PRO A 100 1.48 -23.44 2.35
C PRO A 100 0.68 -22.65 3.40
N CYS A 101 -0.52 -22.26 2.99
CA CYS A 101 -1.41 -21.48 3.83
C CYS A 101 -1.79 -22.18 5.11
N THR A 102 -1.81 -21.46 6.24
CA THR A 102 -2.31 -22.04 7.47
C THR A 102 -3.64 -21.33 7.77
N THR A 103 -4.72 -22.07 7.92
CA THR A 103 -6.06 -21.54 8.14
C THR A 103 -6.52 -21.33 9.58
N SER A 104 -5.72 -21.80 10.54
CA SER A 104 -6.01 -21.58 11.95
C SER A 104 -4.73 -21.11 12.63
N GLY A 105 -4.86 -20.87 13.92
CA GLY A 105 -3.77 -20.43 14.78
C GLY A 105 -3.47 -18.95 14.61
N HIS A 106 -4.39 -18.10 14.13
CA HIS A 106 -4.08 -16.69 13.94
C HIS A 106 -5.14 -15.84 14.62
N THR A 107 -5.03 -14.52 14.65
CA THR A 107 -5.98 -13.69 15.37
C THR A 107 -6.47 -12.61 14.41
N VAL A 108 -7.76 -12.24 14.48
CA VAL A 108 -8.33 -11.23 13.60
C VAL A 108 -7.95 -9.87 14.18
N GLY A 109 -7.31 -9.02 13.40
CA GLY A 109 -6.95 -7.70 13.87
C GLY A 109 -7.73 -6.59 13.16
N ALA A 110 -8.43 -6.84 12.07
CA ALA A 110 -9.23 -5.83 11.38
C ALA A 110 -10.22 -6.55 10.47
N THR A 111 -11.26 -5.85 10.07
CA THR A 111 -12.25 -6.38 9.13
C THR A 111 -12.57 -5.24 8.19
N ILE A 112 -12.92 -5.57 6.95
CA ILE A 112 -13.30 -4.59 5.93
C ILE A 112 -14.60 -5.06 5.31
N THR A 113 -15.38 -4.19 4.71
CA THR A 113 -16.61 -4.60 4.07
C THR A 113 -16.51 -4.66 2.55
N GLY A 114 -15.56 -3.97 1.94
CA GLY A 114 -15.42 -3.96 0.49
C GLY A 114 -14.28 -3.04 0.10
N HIS A 115 -14.30 -2.46 -1.09
CA HIS A 115 -13.27 -1.56 -1.53
C HIS A 115 -13.84 -0.67 -2.63
N VAL A 116 -13.28 0.51 -2.79
CA VAL A 116 -13.65 1.44 -3.86
C VAL A 116 -12.42 1.64 -4.75
N GLU A 117 -12.66 1.93 -6.01
CA GLU A 117 -11.61 2.20 -6.98
C GLU A 117 -11.83 3.67 -7.31
N LEU A 118 -10.74 4.43 -7.20
CA LEU A 118 -10.78 5.87 -7.35
C LEU A 118 -10.57 6.32 -8.80
N PRO A 119 -11.01 7.54 -9.18
CA PRO A 119 -10.82 8.12 -10.51
C PRO A 119 -9.36 8.21 -10.93
N GLN A 120 -9.10 8.11 -12.24
CA GLN A 120 -7.75 8.20 -12.77
C GLN A 120 -7.39 9.68 -12.91
N ASP A 121 -7.40 10.37 -11.77
CA ASP A 121 -7.18 11.80 -11.75
C ASP A 121 -6.57 12.13 -10.40
N GLU A 122 -5.36 12.66 -10.45
CA GLU A 122 -4.57 13.04 -9.28
C GLU A 122 -5.26 14.03 -8.36
N ALA A 123 -5.98 15.02 -8.90
CA ALA A 123 -6.65 16.01 -8.07
C ALA A 123 -7.80 15.36 -7.29
N GLN A 124 -8.47 14.41 -7.93
CA GLN A 124 -9.59 13.71 -7.32
C GLN A 124 -9.05 12.74 -6.30
N ILE A 125 -7.97 12.04 -6.62
CA ILE A 125 -7.31 11.14 -5.67
C ILE A 125 -6.93 11.91 -4.41
N ALA A 126 -6.34 13.10 -4.56
CA ALA A 126 -5.95 13.96 -3.45
C ALA A 126 -7.12 14.41 -2.56
N ALA A 127 -8.27 14.74 -3.17
CA ALA A 127 -9.43 15.18 -2.41
C ALA A 127 -9.97 14.05 -1.54
N TRP A 128 -9.94 12.81 -2.03
CA TRP A 128 -10.43 11.67 -1.26
C TRP A 128 -9.44 11.38 -0.15
N LEU A 129 -8.13 11.24 -0.43
CA LEU A 129 -7.03 11.05 0.51
C LEU A 129 -7.11 12.01 1.71
N ALA A 130 -7.29 13.30 1.47
CA ALA A 130 -7.39 14.32 2.51
C ALA A 130 -8.48 14.11 3.57
N VAL A 131 -9.58 13.48 3.19
CA VAL A 131 -10.69 13.24 4.09
C VAL A 131 -10.68 11.81 4.60
N ASN A 132 -10.46 10.88 3.67
CA ASN A 132 -10.61 9.48 3.96
C ASN A 132 -9.33 8.71 4.24
N GLY A 133 -8.15 9.24 3.91
CA GLY A 133 -6.92 8.54 4.23
C GLY A 133 -6.15 7.92 3.07
N PRO A 134 -5.09 7.15 3.38
CA PRO A 134 -4.17 6.52 2.45
C PRO A 134 -4.79 5.57 1.43
N VAL A 135 -4.25 5.59 0.22
CA VAL A 135 -4.79 4.86 -0.91
C VAL A 135 -3.74 3.90 -1.49
N ALA A 136 -4.10 2.68 -1.89
CA ALA A 136 -3.20 1.73 -2.55
C ALA A 136 -3.04 2.16 -4.00
N VAL A 137 -1.84 2.16 -4.57
CA VAL A 137 -1.64 2.64 -5.93
C VAL A 137 -0.62 1.72 -6.64
N ALA A 138 -0.66 1.63 -7.97
CA ALA A 138 0.28 0.79 -8.71
C ALA A 138 1.17 1.77 -9.45
N VAL A 139 2.45 1.49 -9.66
CA VAL A 139 3.33 2.45 -10.33
C VAL A 139 4.31 1.69 -11.22
N ASP A 140 5.00 2.42 -12.08
CA ASP A 140 6.11 1.93 -12.87
C ASP A 140 7.28 2.26 -11.96
N ALA A 141 7.95 1.24 -11.46
CA ALA A 141 9.06 1.40 -10.53
C ALA A 141 10.39 1.09 -11.18
N SER A 142 10.48 1.07 -12.51
CA SER A 142 11.75 0.81 -13.22
C SER A 142 12.90 1.71 -12.75
N SER A 143 12.68 3.01 -12.59
CA SER A 143 13.76 3.89 -12.19
C SER A 143 14.03 3.95 -10.68
N TRP A 144 13.17 3.38 -9.84
CA TRP A 144 13.29 3.52 -8.41
C TRP A 144 14.54 2.92 -7.77
N MET A 145 15.30 2.03 -8.42
CA MET A 145 16.57 1.57 -7.85
C MET A 145 17.66 2.65 -7.86
N THR A 146 17.47 3.75 -8.59
CA THR A 146 18.40 4.85 -8.51
C THR A 146 17.90 5.96 -7.58
N TYR A 147 16.75 5.81 -6.89
CA TYR A 147 16.23 6.89 -6.06
C TYR A 147 17.03 6.94 -4.78
N THR A 148 17.62 8.12 -4.55
CA THR A 148 18.42 8.39 -3.35
C THR A 148 17.72 9.38 -2.41
N GLY A 149 16.89 10.30 -2.87
CA GLY A 149 16.23 11.25 -1.98
C GLY A 149 15.73 12.42 -2.79
N GLY A 150 15.00 13.36 -2.18
CA GLY A 150 14.53 14.55 -2.87
C GLY A 150 13.18 14.32 -3.53
N VAL A 151 12.68 15.27 -4.30
CA VAL A 151 11.42 15.09 -5.00
C VAL A 151 11.86 14.62 -6.39
N MET A 152 11.45 13.43 -6.80
CA MET A 152 11.77 12.94 -8.14
C MET A 152 10.84 13.68 -9.10
N THR A 153 11.43 14.57 -9.89
CA THR A 153 10.69 15.37 -10.85
C THR A 153 10.50 14.75 -12.23
N SER A 154 11.10 13.59 -12.49
CA SER A 154 11.02 12.90 -13.77
C SER A 154 11.08 11.42 -13.42
N CYS A 155 10.30 10.54 -14.04
CA CYS A 155 10.25 9.13 -13.68
C CYS A 155 9.85 8.37 -14.94
N VAL A 156 10.41 7.17 -15.18
CA VAL A 156 10.03 6.34 -16.33
C VAL A 156 8.58 5.92 -16.05
N SER A 157 7.72 6.26 -17.02
CA SER A 157 6.30 6.02 -16.86
C SER A 157 5.85 5.33 -18.11
N GLU A 158 5.87 4.01 -18.12
CA GLU A 158 5.40 3.30 -19.29
C GLU A 158 4.81 1.95 -18.99
N ALA A 159 5.14 1.21 -17.91
CA ALA A 159 4.44 -0.04 -17.60
C ALA A 159 4.25 -0.19 -16.11
N LEU A 160 3.04 -0.43 -15.58
CA LEU A 160 2.84 -0.57 -14.16
C LEU A 160 3.46 -1.88 -13.71
N ASP A 161 4.30 -1.93 -12.68
CA ASP A 161 4.93 -3.17 -12.27
C ASP A 161 5.07 -3.31 -10.78
N HIS A 162 4.63 -2.36 -9.95
CA HIS A 162 4.83 -2.44 -8.51
C HIS A 162 3.65 -1.82 -7.75
N GLY A 163 3.27 -2.31 -6.57
CA GLY A 163 2.19 -1.70 -5.82
C GLY A 163 2.74 -1.07 -4.56
N VAL A 164 2.33 0.15 -4.22
CA VAL A 164 2.83 0.90 -3.07
C VAL A 164 1.67 1.63 -2.39
N LEU A 165 1.91 2.44 -1.34
CA LEU A 165 0.86 3.13 -0.61
C LEU A 165 1.07 4.64 -0.63
N LEU A 166 0.07 5.39 -1.06
CA LEU A 166 0.11 6.84 -1.11
C LEU A 166 -0.30 7.33 0.28
N VAL A 167 0.51 8.07 1.05
CA VAL A 167 0.13 8.51 2.40
C VAL A 167 0.03 10.04 2.58
N GLY A 168 0.20 10.85 1.52
CA GLY A 168 0.08 12.29 1.67
C GLY A 168 0.53 13.05 0.44
N TYR A 169 0.42 14.36 0.53
CA TYR A 169 0.81 15.23 -0.56
C TYR A 169 1.09 16.62 0.03
N ASN A 170 1.77 17.46 -0.73
CA ASN A 170 2.00 18.81 -0.31
C ASN A 170 1.98 19.66 -1.55
N ASP A 171 0.92 20.46 -1.62
CA ASP A 171 0.73 21.32 -2.76
C ASP A 171 1.26 22.72 -2.56
N SER A 172 1.74 23.04 -1.36
CA SER A 172 2.35 24.32 -1.14
C SER A 172 3.88 24.29 -1.31
N ALA A 173 4.50 23.14 -1.60
CA ALA A 173 5.95 23.07 -1.82
C ALA A 173 6.34 23.71 -3.16
N ALA A 174 7.63 23.87 -3.48
CA ALA A 174 8.06 24.44 -4.75
C ALA A 174 7.53 23.63 -5.93
N VAL A 175 7.68 22.31 -5.83
CA VAL A 175 7.08 21.41 -6.81
C VAL A 175 6.12 20.59 -5.93
N PRO A 176 4.80 20.62 -6.11
CA PRO A 176 3.89 19.76 -5.37
C PRO A 176 4.29 18.30 -5.49
N TYR A 177 4.19 17.54 -4.41
CA TYR A 177 4.60 16.15 -4.43
C TYR A 177 3.61 15.25 -3.71
N TRP A 178 3.77 13.95 -3.99
CA TRP A 178 3.06 12.85 -3.37
C TRP A 178 4.06 12.21 -2.42
N ILE A 179 3.60 11.62 -1.32
CA ILE A 179 4.47 10.95 -0.36
C ILE A 179 4.08 9.48 -0.42
N ILE A 180 5.01 8.56 -0.72
CA ILE A 180 4.71 7.15 -0.93
C ILE A 180 5.54 6.24 -0.03
N LYS A 181 4.89 5.30 0.66
CA LYS A 181 5.49 4.29 1.50
C LYS A 181 5.84 3.11 0.61
N ASN A 182 7.09 2.61 0.61
CA ASN A 182 7.45 1.45 -0.18
C ASN A 182 7.81 0.28 0.74
N SER A 183 8.11 -0.90 0.19
CA SER A 183 8.47 -2.06 1.00
C SER A 183 9.86 -2.66 0.73
N TRP A 184 10.89 -1.84 0.61
CA TRP A 184 12.22 -2.32 0.32
C TRP A 184 13.11 -1.88 1.47
N THR A 185 12.63 -1.98 2.73
CA THR A 185 13.25 -1.55 4.00
C THR A 185 13.42 -0.04 4.14
N THR A 186 13.79 0.42 5.34
CA THR A 186 14.13 1.82 5.59
C THR A 186 15.41 2.28 4.89
N GLN A 187 16.28 1.32 4.54
CA GLN A 187 17.53 1.63 3.90
C GLN A 187 17.40 2.13 2.47
N TRP A 188 16.20 2.10 1.88
CA TRP A 188 16.02 2.62 0.54
C TRP A 188 15.37 4.01 0.64
N GLY A 189 15.69 4.92 -0.28
CA GLY A 189 15.08 6.24 -0.38
C GLY A 189 15.14 7.08 0.88
N GLU A 190 14.08 7.83 1.15
CA GLU A 190 14.04 8.66 2.34
C GLU A 190 13.43 7.85 3.47
N GLU A 191 14.25 7.03 4.14
CA GLU A 191 13.80 6.19 5.26
C GLU A 191 12.68 5.23 4.85
N GLY A 192 12.78 4.71 3.62
CA GLY A 192 11.78 3.80 3.08
C GLY A 192 10.70 4.51 2.26
N TYR A 193 10.64 5.85 2.27
CA TYR A 193 9.64 6.62 1.56
C TYR A 193 10.19 7.22 0.29
N ILE A 194 9.31 7.62 -0.64
CA ILE A 194 9.71 8.33 -1.85
C ILE A 194 8.72 9.45 -2.08
N ARG A 195 9.21 10.59 -2.55
CA ARG A 195 8.36 11.68 -2.98
C ARG A 195 8.54 11.88 -4.48
N ILE A 196 7.42 11.94 -5.22
CA ILE A 196 7.44 12.13 -6.67
C ILE A 196 6.59 13.36 -6.96
N ALA A 197 6.87 14.06 -8.06
CA ALA A 197 6.08 15.22 -8.44
C ALA A 197 4.63 14.82 -8.69
N LYS A 198 3.72 15.69 -8.22
CA LYS A 198 2.27 15.53 -8.30
C LYS A 198 1.71 16.43 -9.39
N GLY A 199 0.87 15.92 -10.27
CA GLY A 199 0.22 16.73 -11.29
C GLY A 199 0.55 16.31 -12.72
N SER A 200 1.60 15.52 -12.94
CA SER A 200 2.00 15.12 -14.27
C SER A 200 1.95 13.61 -14.48
N ASN A 201 1.24 12.84 -13.66
CA ASN A 201 1.18 11.38 -13.68
C ASN A 201 2.55 10.70 -13.73
N GLN A 202 3.37 11.07 -12.76
CA GLN A 202 4.72 10.54 -12.63
C GLN A 202 4.66 9.08 -12.21
N CYS A 203 5.37 8.22 -12.93
CA CYS A 203 5.42 6.77 -12.69
C CYS A 203 4.03 6.12 -12.83
N LEU A 204 3.12 6.78 -13.57
CA LEU A 204 1.75 6.33 -13.79
C LEU A 204 0.93 6.18 -12.51
N VAL A 205 1.15 7.07 -11.55
CA VAL A 205 0.51 7.04 -10.24
C VAL A 205 -1.02 7.17 -10.24
N LYS A 206 -1.64 7.82 -11.21
CA LYS A 206 -3.09 7.95 -11.16
C LYS A 206 -3.82 6.74 -11.74
N GLU A 207 -3.13 5.77 -12.33
CA GLU A 207 -3.81 4.76 -13.13
C GLU A 207 -4.60 3.70 -12.38
N GLU A 208 -4.14 3.19 -11.23
CA GLU A 208 -4.82 2.09 -10.52
C GLU A 208 -4.83 2.32 -9.01
N ALA A 209 -5.66 3.25 -8.57
CA ALA A 209 -5.72 3.61 -7.17
C ALA A 209 -6.98 3.09 -6.50
N SER A 210 -6.91 2.46 -5.34
CA SER A 210 -8.07 1.95 -4.65
C SER A 210 -7.89 1.93 -3.12
N SER A 211 -8.95 1.64 -2.39
CA SER A 211 -8.90 1.59 -0.94
C SER A 211 -9.96 0.64 -0.46
N ALA A 212 -9.65 -0.01 0.65
CA ALA A 212 -10.56 -0.86 1.40
C ALA A 212 -11.54 0.03 2.15
N VAL A 213 -12.76 -0.41 2.45
CA VAL A 213 -13.65 0.38 3.28
C VAL A 213 -13.87 -0.54 4.48
N VAL A 214 -13.76 0.04 5.68
CA VAL A 214 -13.82 -0.72 6.92
C VAL A 214 -15.28 -0.93 7.31
N GLY A 215 -15.45 -1.87 8.21
CA GLY A 215 -16.72 -2.39 8.62
C GLY A 215 -16.33 -3.69 9.23
#